data_8JY1
#
_entry.id   8JY1
#
_cell.length_a   99.040
_cell.length_b   99.040
_cell.length_c   172.784
_cell.angle_alpha   90.00
_cell.angle_beta   90.00
_cell.angle_gamma   90.00
#
_symmetry.space_group_name_H-M   'P 43 21 2'
#
loop_
_entity.id
_entity.type
_entity.pdbx_description
1 polymer 'Epoxide hydrolase-2'
2 non-polymer 'TETRAETHYLENE GLYCOL'
3 water water
#
_entity_poly.entity_id   1
_entity_poly.type   'polypeptide(L)'
_entity_poly.pdbx_seq_one_letter_code
;DIQHRIVNVNGLNMHVAEKGEGPVILFIHGFPELWYSWRHQIIALASLGYRAIAPDLRGFGDTDAPPSVSSYTCFHVVGD
LIGLLDVVASDRDKVFVVGHDWGALIAWYLCLFRPDKVKALVNLSVAFNPWNPKRKPLEGLKAVYGDDYYMIRFQEPGEI
EAEFAQIGTETVVKEFFTYRTPGPLFLPTGKGFGHPPNAEIVLPSWLSEDDVKNYTSKFEKGFTGGVNYYRNINVNWELT
APWAGSQIKVPVKFIVGDLDLTYYMPGVKDYIHKGGFKRDVPLLEEVIVMEGVGHFINGEKADAISEHIYNFFQKFKGHH
HHHH
;
_entity_poly.pdbx_strand_id   A,B
#
# COMPACT_ATOMS: atom_id res chain seq x y z
N ASP A 1 11.76 18.32 27.11
CA ASP A 1 12.66 18.18 25.97
C ASP A 1 12.21 17.03 25.06
N ILE A 2 12.44 17.19 23.76
CA ILE A 2 12.09 16.15 22.79
C ILE A 2 13.09 15.01 22.90
N GLN A 3 12.60 13.79 23.08
CA GLN A 3 13.44 12.61 23.19
C GLN A 3 13.79 12.07 21.82
N HIS A 4 15.03 11.61 21.66
CA HIS A 4 15.52 11.04 20.42
C HIS A 4 16.08 9.66 20.67
N ARG A 5 15.64 8.70 19.86
CA ARG A 5 16.06 7.30 20.02
C ARG A 5 16.43 6.72 18.65
N ILE A 6 17.26 5.68 18.69
CA ILE A 6 17.52 4.82 17.55
C ILE A 6 16.87 3.48 17.84
N VAL A 7 15.95 3.06 16.98
CA VAL A 7 15.14 1.87 17.20
C VAL A 7 15.32 0.93 16.02
N ASN A 8 15.56 -0.35 16.30
CA ASN A 8 15.73 -1.35 15.26
C ASN A 8 14.35 -1.87 14.86
N VAL A 9 13.99 -1.65 13.59
CA VAL A 9 12.74 -2.13 13.02
C VAL A 9 13.10 -3.11 11.91
N ASN A 10 13.09 -4.40 12.23
CA ASN A 10 13.33 -5.46 11.25
C ASN A 10 14.65 -5.25 10.51
N GLY A 11 15.68 -4.82 11.24
CA GLY A 11 16.98 -4.60 10.66
C GLY A 11 17.25 -3.19 10.17
N LEU A 12 16.24 -2.32 10.15
CA LEU A 12 16.42 -0.93 9.77
C LEU A 12 16.50 -0.08 11.03
N ASN A 13 17.62 0.59 11.24
CA ASN A 13 17.74 1.51 12.37
C ASN A 13 17.05 2.82 12.02
N MET A 14 16.02 3.17 12.78
CA MET A 14 15.23 4.37 12.56
C MET A 14 15.45 5.36 13.69
N HIS A 15 15.64 6.63 13.33
CA HIS A 15 15.66 7.70 14.31
C HIS A 15 14.23 8.14 14.60
N VAL A 16 13.85 8.14 15.87
CA VAL A 16 12.50 8.49 16.29
C VAL A 16 12.60 9.62 17.30
N ALA A 17 11.94 10.75 17.01
CA ALA A 17 11.72 11.79 17.98
C ALA A 17 10.35 11.58 18.63
N GLU A 18 10.26 11.91 19.91
CA GLU A 18 9.07 11.55 20.67
C GLU A 18 8.91 12.53 21.83
N LYS A 19 7.66 12.87 22.14
CA LYS A 19 7.41 13.74 23.28
C LYS A 19 5.95 13.61 23.71
N GLY A 20 5.74 13.54 25.02
CA GLY A 20 4.41 13.55 25.60
C GLY A 20 3.93 12.16 25.98
N GLU A 21 2.77 12.14 26.64
CA GLU A 21 2.10 10.91 27.02
C GLU A 21 0.65 10.98 26.59
N GLY A 22 0.06 9.81 26.33
CA GLY A 22 -1.31 9.72 25.92
C GLY A 22 -1.49 9.02 24.59
N PRO A 23 -2.58 9.33 23.89
CA PRO A 23 -2.80 8.72 22.57
C PRO A 23 -1.66 9.06 21.62
N VAL A 24 -1.27 8.07 20.83
CA VAL A 24 -0.13 8.22 19.92
C VAL A 24 -0.58 8.96 18.66
N ILE A 25 0.18 9.99 18.29
CA ILE A 25 0.06 10.63 16.98
C ILE A 25 1.35 10.37 16.22
N LEU A 26 1.24 9.68 15.09
CA LEU A 26 2.39 9.36 14.25
C LEU A 26 2.49 10.41 13.15
N PHE A 27 3.54 11.22 13.19
CA PHE A 27 3.80 12.24 12.18
C PHE A 27 4.73 11.68 11.11
N ILE A 28 4.37 11.87 9.85
CA ILE A 28 5.11 11.35 8.71
C ILE A 28 5.49 12.51 7.80
N HIS A 29 6.78 12.85 7.79
CA HIS A 29 7.26 13.97 7.00
C HIS A 29 7.38 13.60 5.53
N GLY A 30 7.71 14.59 4.70
CA GLY A 30 7.87 14.39 3.28
C GLY A 30 9.25 14.76 2.76
N PHE A 31 9.31 15.30 1.55
CA PHE A 31 10.56 15.66 0.90
C PHE A 31 10.63 17.18 0.67
N PRO A 32 11.79 17.81 0.94
CA PRO A 32 12.96 17.22 1.59
C PRO A 32 12.98 17.52 3.08
N GLU A 33 12.14 16.82 3.84
CA GLU A 33 11.88 17.14 5.22
C GLU A 33 12.49 16.08 6.15
N LEU A 34 12.29 16.29 7.45
CA LEU A 34 12.77 15.40 8.49
C LEU A 34 11.73 15.39 9.60
N TRP A 35 12.02 14.63 10.67
CA TRP A 35 11.24 14.77 11.90
C TRP A 35 11.17 16.23 12.33
N TYR A 36 12.24 16.98 12.07
CA TYR A 36 12.34 18.38 12.48
C TYR A 36 11.17 19.21 11.96
N SER A 37 10.67 18.87 10.77
CA SER A 37 9.57 19.63 10.18
C SER A 37 8.31 19.57 11.02
N TRP A 38 8.21 18.62 11.95
CA TRP A 38 7.06 18.50 12.81
C TRP A 38 7.28 19.09 14.21
N ARG A 39 8.45 19.72 14.45
CA ARG A 39 8.85 20.05 15.82
C ARG A 39 7.77 20.85 16.54
N HIS A 40 7.26 21.91 15.91
CA HIS A 40 6.20 22.69 16.53
C HIS A 40 5.01 21.81 16.87
N GLN A 41 4.52 21.03 15.89
CA GLN A 41 3.41 20.13 16.15
C GLN A 41 3.76 19.11 17.24
N ILE A 42 5.04 18.72 17.33
CA ILE A 42 5.43 17.79 18.38
C ILE A 42 5.24 18.43 19.76
N ILE A 43 5.56 19.72 19.87
CA ILE A 43 5.36 20.42 21.13
C ILE A 43 3.88 20.74 21.34
N ALA A 44 3.28 21.44 20.37
CA ALA A 44 1.89 21.90 20.46
C ALA A 44 0.89 20.76 20.42
N LEU A 45 1.35 19.53 20.60
CA LEU A 45 0.48 18.38 20.86
C LEU A 45 0.87 17.64 22.12
N ALA A 46 2.17 17.57 22.42
CA ALA A 46 2.60 16.89 23.65
C ALA A 46 2.08 17.61 24.88
N SER A 47 2.00 18.94 24.83
CA SER A 47 1.44 19.73 25.91
C SER A 47 -0.08 19.69 25.94
N LEU A 48 -0.72 18.85 25.11
CA LEU A 48 -2.17 18.72 25.13
C LEU A 48 -2.61 17.28 25.34
N GLY A 49 -1.77 16.45 25.96
CA GLY A 49 -2.16 15.11 26.32
C GLY A 49 -2.00 14.06 25.24
N TYR A 50 -1.14 14.30 24.26
CA TYR A 50 -0.87 13.33 23.21
C TYR A 50 0.59 12.95 23.21
N ARG A 51 0.88 11.74 22.74
CA ARG A 51 2.25 11.24 22.62
C ARG A 51 2.67 11.39 21.16
N ALA A 52 3.32 12.51 20.85
CA ALA A 52 3.76 12.76 19.49
C ALA A 52 4.99 11.92 19.17
N ILE A 53 4.91 11.19 18.06
CA ILE A 53 5.98 10.33 17.57
C ILE A 53 6.25 10.71 16.12
N ALA A 54 7.46 11.17 15.84
CA ALA A 54 7.86 11.59 14.50
C ALA A 54 9.19 10.92 14.14
N PRO A 55 9.19 9.96 13.23
CA PRO A 55 10.46 9.36 12.81
C PRO A 55 11.03 10.04 11.58
N ASP A 56 12.35 9.96 11.47
CA ASP A 56 12.99 10.13 10.17
C ASP A 56 12.67 8.92 9.30
N LEU A 57 12.08 9.16 8.14
CA LEU A 57 11.71 8.04 7.28
C LEU A 57 12.96 7.35 6.73
N ARG A 58 12.74 6.19 6.14
CA ARG A 58 13.81 5.46 5.46
C ARG A 58 14.50 6.34 4.44
N GLY A 59 15.83 6.48 4.59
CA GLY A 59 16.62 7.30 3.70
C GLY A 59 16.79 8.74 4.11
N PHE A 60 16.24 9.15 5.25
CA PHE A 60 16.26 10.53 5.70
C PHE A 60 17.00 10.66 7.02
N GLY A 61 17.73 11.76 7.17
CA GLY A 61 18.26 12.15 8.48
C GLY A 61 19.15 11.09 9.10
N ASP A 62 18.75 10.62 10.28
CA ASP A 62 19.53 9.67 11.06
C ASP A 62 18.96 8.26 11.01
N THR A 63 17.98 8.02 10.13
CA THR A 63 17.50 6.68 9.86
C THR A 63 18.36 6.05 8.78
N ASP A 64 18.54 4.73 8.86
CA ASP A 64 19.32 4.00 7.88
C ASP A 64 18.78 4.29 6.47
N ALA A 65 19.71 4.36 5.52
CA ALA A 65 19.38 4.61 4.12
C ALA A 65 19.87 3.43 3.29
N PRO A 66 19.00 2.48 2.94
CA PRO A 66 19.42 1.37 2.08
C PRO A 66 19.98 1.88 0.76
N PRO A 67 21.02 1.22 0.24
CA PRO A 67 21.70 1.79 -0.94
C PRO A 67 20.92 1.60 -2.24
N SER A 68 20.04 0.60 -2.32
CA SER A 68 19.36 0.30 -3.58
C SER A 68 18.08 1.10 -3.72
N VAL A 69 17.82 1.57 -4.95
CA VAL A 69 16.61 2.31 -5.24
C VAL A 69 15.38 1.41 -5.08
N SER A 70 15.54 0.10 -5.27
CA SER A 70 14.43 -0.83 -5.16
C SER A 70 13.95 -1.01 -3.73
N SER A 71 14.64 -0.45 -2.74
CA SER A 71 14.25 -0.56 -1.35
C SER A 71 13.39 0.62 -0.89
N TYR A 72 12.79 1.36 -1.82
CA TYR A 72 12.07 2.58 -1.47
C TYR A 72 10.67 2.60 -2.07
N THR A 73 10.03 1.44 -2.20
CA THR A 73 8.63 1.44 -2.57
C THR A 73 7.78 1.84 -1.37
N CYS A 74 6.49 2.10 -1.64
CA CYS A 74 5.58 2.42 -0.55
C CYS A 74 5.46 1.25 0.44
N PHE A 75 5.62 0.02 -0.05
CA PHE A 75 5.51 -1.14 0.83
C PHE A 75 6.64 -1.16 1.86
N HIS A 76 7.87 -0.82 1.43
CA HIS A 76 8.99 -0.76 2.37
C HIS A 76 8.73 0.26 3.48
N VAL A 77 8.28 1.46 3.10
CA VAL A 77 8.12 2.53 4.09
C VAL A 77 6.95 2.24 5.02
N VAL A 78 5.84 1.75 4.47
CA VAL A 78 4.70 1.40 5.33
C VAL A 78 5.07 0.24 6.25
N GLY A 79 5.87 -0.72 5.77
CA GLY A 79 6.33 -1.78 6.64
C GLY A 79 7.22 -1.27 7.75
N ASP A 80 8.09 -0.32 7.44
CA ASP A 80 8.88 0.35 8.47
C ASP A 80 7.97 0.94 9.53
N LEU A 81 6.91 1.64 9.11
CA LEU A 81 6.04 2.30 10.08
C LEU A 81 5.25 1.29 10.90
N ILE A 82 4.81 0.19 10.28
CA ILE A 82 4.10 -0.86 11.01
C ILE A 82 5.01 -1.47 12.07
N GLY A 83 6.25 -1.77 11.70
CA GLY A 83 7.21 -2.30 12.66
C GLY A 83 7.52 -1.30 13.77
N LEU A 84 7.61 -0.02 13.42
CA LEU A 84 7.86 1.01 14.42
C LEU A 84 6.72 1.08 15.43
N LEU A 85 5.48 1.03 14.95
CA LEU A 85 4.33 1.02 15.85
C LEU A 85 4.34 -0.23 16.72
N ASP A 86 4.76 -1.37 16.16
CA ASP A 86 4.84 -2.58 16.97
C ASP A 86 5.95 -2.51 18.01
N VAL A 87 6.99 -1.73 17.75
CA VAL A 87 8.09 -1.68 18.71
C VAL A 87 7.82 -0.66 19.81
N VAL A 88 7.43 0.56 19.44
CA VAL A 88 7.32 1.66 20.40
C VAL A 88 5.89 1.91 20.86
N ALA A 89 4.91 1.20 20.32
CA ALA A 89 3.53 1.39 20.74
C ALA A 89 2.77 0.07 20.61
N SER A 90 3.36 -1.01 21.13
CA SER A 90 2.81 -2.33 20.93
C SER A 90 1.46 -2.50 21.60
N ASP A 91 1.26 -1.88 22.76
CA ASP A 91 0.01 -1.99 23.50
C ASP A 91 -1.08 -1.06 22.97
N ARG A 92 -0.96 -0.60 21.73
CA ARG A 92 -1.89 0.38 21.15
C ARG A 92 -2.57 -0.26 19.94
N ASP A 93 -3.89 -0.42 20.03
CA ASP A 93 -4.64 -1.00 18.93
C ASP A 93 -4.57 -0.11 17.69
N LYS A 94 -4.90 1.16 17.84
CA LYS A 94 -4.86 2.13 16.76
C LYS A 94 -4.12 3.38 17.23
N VAL A 95 -3.59 4.13 16.26
CA VAL A 95 -2.91 5.39 16.53
C VAL A 95 -3.49 6.46 15.62
N PHE A 96 -3.24 7.71 15.98
CA PHE A 96 -3.55 8.82 15.09
C PHE A 96 -2.38 9.06 14.15
N VAL A 97 -2.68 9.50 12.93
CA VAL A 97 -1.68 9.69 11.89
C VAL A 97 -1.82 11.10 11.32
N VAL A 98 -0.68 11.77 11.14
CA VAL A 98 -0.61 13.06 10.46
C VAL A 98 0.50 12.97 9.42
N GLY A 99 0.18 13.28 8.16
CA GLY A 99 1.14 13.20 7.10
C GLY A 99 1.23 14.50 6.32
N HIS A 100 2.35 14.66 5.63
CA HIS A 100 2.58 15.83 4.79
C HIS A 100 3.47 15.45 3.60
N ASP A 101 3.08 15.89 2.41
CA ASP A 101 3.86 15.70 1.17
C ASP A 101 3.96 14.20 0.92
N TRP A 102 5.15 13.66 0.65
CA TRP A 102 5.29 12.22 0.49
C TRP A 102 4.76 11.48 1.72
N GLY A 103 4.97 12.04 2.91
CA GLY A 103 4.39 11.45 4.11
C GLY A 103 2.89 11.24 3.97
N ALA A 104 2.19 12.28 3.50
CA ALA A 104 0.77 12.15 3.22
C ALA A 104 0.51 10.94 2.33
N LEU A 105 1.25 10.83 1.22
CA LEU A 105 1.15 9.66 0.37
C LEU A 105 1.34 8.39 1.19
N ILE A 106 2.42 8.32 1.96
CA ILE A 106 2.65 7.16 2.81
C ILE A 106 1.46 6.94 3.72
N ALA A 107 0.96 8.02 4.33
CA ALA A 107 -0.20 7.91 5.21
C ALA A 107 -1.37 7.28 4.46
N TRP A 108 -1.62 7.74 3.23
CA TRP A 108 -2.69 7.13 2.44
C TRP A 108 -2.48 5.63 2.31
N TYR A 109 -1.26 5.23 1.90
CA TYR A 109 -0.97 3.80 1.78
C TYR A 109 -1.15 3.12 3.13
N LEU A 110 -0.72 3.77 4.21
CA LEU A 110 -0.89 3.19 5.54
C LEU A 110 -2.36 2.97 5.84
N CYS A 111 -3.20 3.93 5.46
CA CYS A 111 -4.63 3.75 5.67
C CYS A 111 -5.23 2.77 4.68
N LEU A 112 -4.59 2.60 3.52
CA LEU A 112 -5.10 1.68 2.52
C LEU A 112 -4.75 0.23 2.87
N PHE A 113 -3.51 0.00 3.28
CA PHE A 113 -3.06 -1.35 3.59
C PHE A 113 -3.53 -1.81 4.96
N ARG A 114 -3.45 -0.94 5.97
CA ARG A 114 -3.73 -1.31 7.35
C ARG A 114 -4.68 -0.30 8.00
N PRO A 115 -5.94 -0.28 7.59
CA PRO A 115 -6.92 0.59 8.27
C PRO A 115 -7.17 0.17 9.70
N ASP A 116 -6.84 -1.06 10.08
CA ASP A 116 -7.01 -1.53 11.46
C ASP A 116 -6.06 -0.87 12.44
N LYS A 117 -5.02 -0.18 11.95
CA LYS A 117 -4.03 0.45 12.80
C LYS A 117 -4.23 1.95 12.95
N VAL A 118 -5.17 2.54 12.22
CA VAL A 118 -5.35 3.99 12.17
C VAL A 118 -6.71 4.35 12.74
N LYS A 119 -6.71 5.23 13.73
CA LYS A 119 -7.97 5.71 14.31
C LYS A 119 -8.52 6.90 13.53
N ALA A 120 -7.65 7.83 13.16
CA ALA A 120 -8.06 8.99 12.38
C ALA A 120 -6.82 9.55 11.69
N LEU A 121 -7.05 10.27 10.59
CA LEU A 121 -5.97 10.78 9.76
C LEU A 121 -6.16 12.27 9.50
N VAL A 122 -5.09 13.04 9.68
CA VAL A 122 -5.00 14.41 9.19
C VAL A 122 -3.89 14.43 8.15
N ASN A 123 -4.24 14.70 6.90
CA ASN A 123 -3.27 14.73 5.83
C ASN A 123 -3.17 16.13 5.25
N LEU A 124 -1.95 16.53 4.90
CA LEU A 124 -1.66 17.87 4.43
C LEU A 124 -1.09 17.81 3.01
N SER A 125 -1.46 18.79 2.19
CA SER A 125 -0.92 19.02 0.85
C SER A 125 -1.43 18.01 -0.18
N VAL A 126 -1.17 16.72 0.03
CA VAL A 126 -1.41 15.70 -1.00
C VAL A 126 -2.72 14.99 -0.69
N ALA A 127 -3.68 15.08 -1.60
CA ALA A 127 -4.94 14.36 -1.48
C ALA A 127 -4.75 12.91 -1.89
N PHE A 128 -5.80 12.11 -1.69
CA PHE A 128 -5.73 10.68 -1.97
C PHE A 128 -5.51 10.45 -3.47
N ASN A 129 -4.80 9.36 -3.79
CA ASN A 129 -4.42 9.03 -5.15
C ASN A 129 -5.08 7.69 -5.52
N PRO A 130 -6.32 7.73 -5.98
CA PRO A 130 -6.98 6.48 -6.40
C PRO A 130 -6.26 5.86 -7.58
N TRP A 131 -6.05 4.55 -7.51
CA TRP A 131 -5.28 3.85 -8.54
C TRP A 131 -5.99 3.94 -9.88
N ASN A 132 -5.25 4.39 -10.90
CA ASN A 132 -5.79 4.59 -12.23
C ASN A 132 -5.15 3.61 -13.20
N PRO A 133 -5.92 2.75 -13.87
CA PRO A 133 -5.32 1.80 -14.82
C PRO A 133 -4.95 2.41 -16.16
N LYS A 134 -5.46 3.61 -16.48
CA LYS A 134 -5.33 4.12 -17.84
C LYS A 134 -3.90 4.51 -18.17
N ARG A 135 -3.22 5.13 -17.20
CA ARG A 135 -1.86 5.66 -17.47
C ARG A 135 -0.97 5.64 -16.24
N LYS A 136 0.30 5.34 -16.46
CA LYS A 136 1.25 5.45 -15.36
C LYS A 136 1.37 6.90 -14.91
N PRO A 137 1.59 7.14 -13.62
CA PRO A 137 1.63 8.52 -13.12
C PRO A 137 2.73 9.36 -13.75
N LEU A 138 3.94 8.81 -13.85
CA LEU A 138 5.04 9.57 -14.43
C LEU A 138 4.78 9.91 -15.89
N GLU A 139 4.11 9.02 -16.63
CA GLU A 139 3.80 9.31 -18.03
C GLU A 139 2.85 10.50 -18.15
N GLY A 140 1.81 10.55 -17.31
CA GLY A 140 0.91 11.68 -17.36
C GLY A 140 1.55 12.98 -16.90
N LEU A 141 2.36 12.89 -15.83
CA LEU A 141 3.09 14.06 -15.37
C LEU A 141 4.01 14.60 -16.46
N LYS A 142 4.72 13.71 -17.17
CA LYS A 142 5.60 14.15 -18.23
C LYS A 142 4.81 14.69 -19.42
N ALA A 143 3.65 14.11 -19.70
CA ALA A 143 2.82 14.59 -20.80
C ALA A 143 2.33 16.01 -20.54
N VAL A 144 2.07 16.34 -19.27
CA VAL A 144 1.60 17.69 -18.98
C VAL A 144 2.78 18.67 -18.83
N TYR A 145 3.83 18.27 -18.13
CA TYR A 145 4.87 19.19 -17.66
C TYR A 145 6.17 19.13 -18.44
N GLY A 146 6.51 17.99 -19.02
CA GLY A 146 7.74 17.86 -19.79
C GLY A 146 8.88 17.28 -18.98
N ASP A 147 10.03 17.15 -19.66
CA ASP A 147 11.18 16.46 -19.08
C ASP A 147 11.84 17.24 -17.95
N ASP A 148 11.69 18.57 -17.91
CA ASP A 148 12.32 19.35 -16.86
C ASP A 148 11.49 19.42 -15.60
N TYR A 149 10.29 18.85 -15.59
CA TYR A 149 9.53 18.70 -14.36
C TYR A 149 10.37 17.97 -13.33
N TYR A 150 10.36 18.45 -12.09
CA TYR A 150 11.32 17.97 -11.11
C TYR A 150 11.14 16.48 -10.81
N MET A 151 9.91 15.99 -10.82
CA MET A 151 9.70 14.56 -10.59
C MET A 151 10.28 13.72 -11.73
N ILE A 152 10.28 14.27 -12.95
CA ILE A 152 10.90 13.55 -14.06
C ILE A 152 12.41 13.65 -13.99
N ARG A 153 12.94 14.82 -13.65
CA ARG A 153 14.38 14.97 -13.50
C ARG A 153 14.95 14.04 -12.44
N PHE A 154 14.14 13.70 -11.42
CA PHE A 154 14.60 12.84 -10.34
C PHE A 154 14.81 11.39 -10.78
N GLN A 155 14.29 11.00 -11.94
CA GLN A 155 14.17 9.57 -12.26
C GLN A 155 15.55 8.95 -12.51
N GLU A 156 16.34 9.53 -13.39
CA GLU A 156 17.62 8.93 -13.74
C GLU A 156 18.57 8.96 -12.54
N PRO A 157 19.13 7.83 -12.14
CA PRO A 157 19.98 7.81 -10.94
C PRO A 157 21.26 8.60 -11.16
N GLY A 158 21.59 9.46 -10.19
CA GLY A 158 22.84 10.18 -10.14
C GLY A 158 22.81 11.58 -10.72
N GLU A 159 21.90 11.85 -11.67
CA GLU A 159 21.90 13.13 -12.37
C GLU A 159 21.54 14.27 -11.43
N ILE A 160 20.36 14.20 -10.80
CA ILE A 160 19.94 15.28 -9.92
C ILE A 160 20.87 15.38 -8.73
N GLU A 161 21.48 14.27 -8.31
CA GLU A 161 22.48 14.34 -7.25
C GLU A 161 23.68 15.16 -7.68
N ALA A 162 24.13 14.98 -8.92
CA ALA A 162 25.25 15.78 -9.43
C ALA A 162 24.89 17.25 -9.50
N GLU A 163 23.66 17.56 -9.94
CA GLU A 163 23.25 18.96 -9.98
C GLU A 163 23.17 19.57 -8.58
N PHE A 164 22.60 18.83 -7.63
CA PHE A 164 22.56 19.30 -6.24
C PHE A 164 23.96 19.54 -5.70
N ALA A 165 24.90 18.63 -6.01
CA ALA A 165 26.27 18.81 -5.56
C ALA A 165 26.89 20.07 -6.16
N GLN A 166 26.56 20.35 -7.43
CA GLN A 166 27.04 21.59 -8.03
C GLN A 166 26.43 22.81 -7.33
N ILE A 167 25.18 22.72 -6.92
CA ILE A 167 24.50 23.86 -6.30
C ILE A 167 24.96 24.06 -4.87
N GLY A 168 25.11 22.98 -4.11
CA GLY A 168 25.42 23.08 -2.70
C GLY A 168 24.19 22.73 -1.87
N THR A 169 24.41 22.04 -0.76
CA THR A 169 23.29 21.48 0.02
C THR A 169 22.41 22.59 0.58
N GLU A 170 23.01 23.61 1.19
CA GLU A 170 22.23 24.67 1.82
C GLU A 170 21.37 25.41 0.80
N THR A 171 21.93 25.69 -0.38
CA THR A 171 21.17 26.38 -1.41
C THR A 171 20.01 25.51 -1.90
N VAL A 172 20.23 24.19 -2.02
CA VAL A 172 19.14 23.31 -2.44
C VAL A 172 18.03 23.30 -1.41
N VAL A 173 18.40 23.20 -0.12
CA VAL A 173 17.42 23.23 0.96
C VAL A 173 16.60 24.53 0.90
N LYS A 174 17.28 25.66 0.73
CA LYS A 174 16.57 26.93 0.67
C LYS A 174 15.66 27.01 -0.55
N GLU A 175 16.16 26.57 -1.71
CA GLU A 175 15.34 26.59 -2.93
C GLU A 175 14.06 25.78 -2.75
N PHE A 176 14.17 24.61 -2.11
CA PHE A 176 12.97 23.81 -1.91
C PHE A 176 12.03 24.43 -0.90
N PHE A 177 12.55 24.86 0.26
CA PHE A 177 11.69 25.31 1.34
C PHE A 177 11.11 26.70 1.12
N THR A 178 11.76 27.56 0.34
CA THR A 178 11.23 28.89 0.08
C THR A 178 10.35 28.95 -1.16
N TYR A 179 10.09 27.82 -1.80
CA TYR A 179 9.24 27.79 -2.99
C TYR A 179 7.82 28.18 -2.64
N ARG A 180 7.24 29.08 -3.44
CA ARG A 180 5.87 29.54 -3.20
C ARG A 180 5.03 29.62 -4.48
N THR A 181 5.49 29.06 -5.58
CA THR A 181 4.74 29.18 -6.82
C THR A 181 3.62 28.14 -6.87
N PRO A 182 2.39 28.56 -7.18
CA PRO A 182 1.28 27.61 -7.36
C PRO A 182 1.30 26.93 -8.73
N GLY A 183 2.44 26.31 -9.05
CA GLY A 183 2.63 25.68 -10.34
C GLY A 183 3.80 24.73 -10.32
N PRO A 184 4.05 24.07 -11.45
CA PRO A 184 5.09 23.03 -11.48
C PRO A 184 6.47 23.60 -11.22
N LEU A 185 7.27 22.86 -10.46
CA LEU A 185 8.66 23.19 -10.21
C LEU A 185 9.52 22.59 -11.32
N PHE A 186 10.18 23.44 -12.09
CA PHE A 186 11.04 23.00 -13.17
C PHE A 186 12.50 23.04 -12.74
N LEU A 187 13.25 22.01 -13.13
CA LEU A 187 14.69 21.92 -12.87
C LEU A 187 15.37 21.78 -14.23
N PRO A 188 15.74 22.89 -14.87
CA PRO A 188 16.34 22.80 -16.21
C PRO A 188 17.58 21.92 -16.21
N THR A 189 17.66 21.03 -17.19
CA THR A 189 18.72 20.03 -17.24
C THR A 189 20.09 20.68 -17.26
N GLY A 190 20.93 20.31 -16.31
CA GLY A 190 22.27 20.85 -16.21
C GLY A 190 22.35 22.25 -15.64
N LYS A 191 21.25 22.81 -15.14
CA LYS A 191 21.23 24.16 -14.64
C LYS A 191 20.55 24.28 -13.28
N GLY A 192 20.35 23.16 -12.59
CA GLY A 192 19.80 23.23 -11.23
C GLY A 192 18.37 23.75 -11.25
N PHE A 193 18.13 24.78 -10.42
CA PHE A 193 16.84 25.43 -10.37
C PHE A 193 16.69 26.53 -11.42
N GLY A 194 17.69 26.72 -12.27
CA GLY A 194 17.64 27.76 -13.27
C GLY A 194 17.68 29.16 -12.68
N HIS A 195 18.49 29.37 -11.65
CA HIS A 195 18.59 30.66 -10.99
C HIS A 195 20.01 31.19 -11.10
N PRO A 196 20.17 32.51 -11.10
CA PRO A 196 21.52 33.09 -11.21
C PRO A 196 22.40 32.64 -10.07
N PRO A 197 23.67 32.35 -10.35
CA PRO A 197 24.56 31.87 -9.28
C PRO A 197 24.79 32.95 -8.23
N ASN A 198 24.85 32.51 -6.97
CA ASN A 198 25.10 33.40 -5.84
C ASN A 198 24.02 34.45 -5.67
N ALA A 199 22.80 34.14 -6.11
CA ALA A 199 21.67 35.03 -5.88
C ALA A 199 21.19 34.91 -4.45
N GLU A 200 20.64 36.01 -3.94
CA GLU A 200 20.12 36.04 -2.58
C GLU A 200 18.80 35.29 -2.50
N ILE A 201 18.66 34.47 -1.47
CA ILE A 201 17.41 33.79 -1.16
C ILE A 201 16.92 34.33 0.18
N VAL A 202 15.83 35.08 0.15
CA VAL A 202 15.27 35.66 1.37
C VAL A 202 14.39 34.62 2.05
N LEU A 203 14.69 34.33 3.32
CA LEU A 203 13.93 33.35 4.07
C LEU A 203 12.63 33.97 4.57
N PRO A 204 11.52 33.23 4.51
CA PRO A 204 10.27 33.73 5.10
C PRO A 204 10.35 33.74 6.62
N SER A 205 9.38 34.41 7.23
CA SER A 205 9.38 34.58 8.68
C SER A 205 9.21 33.29 9.44
N TRP A 206 8.63 32.25 8.82
CA TRP A 206 8.44 30.98 9.49
C TRP A 206 9.64 30.05 9.40
N LEU A 207 10.58 30.33 8.50
CA LEU A 207 11.77 29.50 8.31
C LEU A 207 12.99 30.30 8.76
N SER A 208 13.62 29.86 9.84
CA SER A 208 14.78 30.55 10.39
C SER A 208 16.06 29.97 9.81
N GLU A 209 17.18 30.65 10.09
CA GLU A 209 18.49 30.14 9.68
C GLU A 209 18.84 28.86 10.41
N ASP A 210 18.40 28.72 11.67
CA ASP A 210 18.68 27.49 12.42
C ASP A 210 17.97 26.30 11.80
N ASP A 211 16.74 26.50 11.32
CA ASP A 211 16.05 25.42 10.60
C ASP A 211 16.83 25.00 9.36
N VAL A 212 17.33 25.98 8.61
CA VAL A 212 18.12 25.67 7.42
C VAL A 212 19.39 24.92 7.80
N LYS A 213 20.03 25.31 8.90
CA LYS A 213 21.21 24.58 9.36
C LYS A 213 20.88 23.15 9.71
N ASN A 214 19.76 22.94 10.40
CA ASN A 214 19.36 21.59 10.78
C ASN A 214 19.10 20.73 9.55
N TYR A 215 18.42 21.28 8.55
CA TYR A 215 18.16 20.51 7.32
C TYR A 215 19.46 20.25 6.56
N THR A 216 20.35 21.24 6.51
CA THR A 216 21.57 21.13 5.72
C THR A 216 22.53 20.11 6.33
N SER A 217 22.67 20.11 7.66
CA SER A 217 23.59 19.19 8.31
C SER A 217 23.19 17.74 8.05
N LYS A 218 21.91 17.48 7.80
CA LYS A 218 21.45 16.12 7.53
C LYS A 218 21.48 15.79 6.05
N PHE A 219 21.12 16.74 5.18
CA PHE A 219 21.10 16.44 3.76
C PHE A 219 22.46 16.57 3.09
N GLU A 220 23.48 17.07 3.80
CA GLU A 220 24.84 17.00 3.28
C GLU A 220 25.30 15.55 3.11
N LYS A 221 24.68 14.62 3.83
CA LYS A 221 24.99 13.21 3.63
C LYS A 221 24.44 12.67 2.31
N GLY A 222 23.48 13.36 1.71
CA GLY A 222 22.95 12.99 0.41
C GLY A 222 21.44 13.13 0.31
N PHE A 223 20.96 13.41 -0.90
CA PHE A 223 19.53 13.49 -1.20
C PHE A 223 18.99 12.21 -1.83
N THR A 224 19.86 11.22 -2.09
CA THR A 224 19.43 10.05 -2.84
C THR A 224 18.27 9.32 -2.17
N GLY A 225 18.32 9.20 -0.83
CA GLY A 225 17.28 8.47 -0.13
C GLY A 225 15.89 9.03 -0.38
N GLY A 226 15.77 10.36 -0.31
CA GLY A 226 14.47 10.97 -0.55
C GLY A 226 14.06 10.94 -2.01
N VAL A 227 15.02 11.10 -2.93
CA VAL A 227 14.71 11.08 -4.35
C VAL A 227 14.24 9.69 -4.78
N ASN A 228 14.71 8.63 -4.12
CA ASN A 228 14.30 7.28 -4.48
C ASN A 228 12.79 7.08 -4.31
N TYR A 229 12.16 7.82 -3.39
CA TYR A 229 10.70 7.79 -3.29
C TYR A 229 10.07 8.15 -4.63
N TYR A 230 10.47 9.29 -5.21
CA TYR A 230 9.98 9.65 -6.54
C TYR A 230 10.37 8.61 -7.58
N ARG A 231 11.57 8.05 -7.45
CA ARG A 231 12.02 7.05 -8.41
C ARG A 231 11.18 5.78 -8.36
N ASN A 232 10.42 5.56 -7.29
CA ASN A 232 9.55 4.40 -7.20
C ASN A 232 8.08 4.72 -7.45
N ILE A 233 7.77 5.84 -8.11
CA ILE A 233 6.37 6.21 -8.33
C ILE A 233 5.69 5.21 -9.26
N ASN A 234 6.31 4.93 -10.41
CA ASN A 234 5.75 3.95 -11.33
C ASN A 234 5.75 2.55 -10.75
N VAL A 235 6.73 2.21 -9.92
CA VAL A 235 6.75 0.90 -9.28
C VAL A 235 5.57 0.76 -8.32
N ASN A 236 5.35 1.78 -7.49
CA ASN A 236 4.17 1.80 -6.61
C ASN A 236 2.90 1.63 -7.42
N TRP A 237 2.76 2.37 -8.52
CA TRP A 237 1.56 2.22 -9.35
C TRP A 237 1.44 0.80 -9.89
N GLU A 238 2.54 0.22 -10.35
CA GLU A 238 2.49 -1.11 -10.96
C GLU A 238 2.15 -2.19 -9.95
N LEU A 239 2.47 -1.96 -8.67
CA LEU A 239 2.24 -2.97 -7.64
C LEU A 239 0.97 -2.72 -6.82
N THR A 240 0.20 -1.69 -7.12
CA THR A 240 -0.99 -1.36 -6.33
C THR A 240 -2.30 -1.56 -7.11
N ALA A 241 -2.25 -2.35 -8.18
CA ALA A 241 -3.49 -2.73 -8.85
C ALA A 241 -4.48 -3.48 -7.96
N PRO A 242 -4.07 -4.29 -6.95
CA PRO A 242 -5.06 -4.91 -6.05
C PRO A 242 -6.03 -3.93 -5.41
N TRP A 243 -5.64 -2.67 -5.27
CA TRP A 243 -6.47 -1.68 -4.59
C TRP A 243 -7.21 -0.77 -5.57
N ALA A 244 -7.41 -1.23 -6.80
CA ALA A 244 -8.28 -0.52 -7.72
C ALA A 244 -9.71 -0.51 -7.19
N GLY A 245 -10.28 0.68 -7.02
CA GLY A 245 -11.61 0.81 -6.49
C GLY A 245 -11.72 0.75 -4.98
N SER A 246 -10.60 0.72 -4.26
CA SER A 246 -10.64 0.69 -2.81
C SER A 246 -11.12 2.03 -2.26
N GLN A 247 -11.64 1.98 -1.04
CA GLN A 247 -12.05 3.17 -0.29
C GLN A 247 -11.28 3.22 1.02
N ILE A 248 -10.83 4.43 1.39
CA ILE A 248 -10.22 4.64 2.68
C ILE A 248 -11.29 4.51 3.76
N LYS A 249 -11.09 3.58 4.69
CA LYS A 249 -12.06 3.30 5.73
C LYS A 249 -11.83 4.11 7.01
N VAL A 250 -11.06 5.19 6.92
CA VAL A 250 -10.62 5.93 8.11
C VAL A 250 -11.17 7.35 8.04
N PRO A 251 -11.63 7.92 9.17
CA PRO A 251 -11.96 9.35 9.17
C PRO A 251 -10.74 10.18 8.81
N VAL A 252 -10.96 11.18 7.95
CA VAL A 252 -9.87 11.96 7.36
C VAL A 252 -10.22 13.44 7.41
N LYS A 253 -9.23 14.26 7.77
CA LYS A 253 -9.30 15.71 7.66
C LYS A 253 -8.16 16.15 6.77
N PHE A 254 -8.49 16.79 5.64
CA PHE A 254 -7.51 17.20 4.66
C PHE A 254 -7.35 18.72 4.69
N ILE A 255 -6.10 19.18 4.70
CA ILE A 255 -5.77 20.60 4.74
C ILE A 255 -4.72 20.89 3.69
N VAL A 256 -4.88 22.00 2.96
CA VAL A 256 -3.94 22.39 1.92
C VAL A 256 -4.02 23.91 1.75
N GLY A 257 -2.88 24.51 1.41
CA GLY A 257 -2.85 25.93 1.08
C GLY A 257 -3.07 26.15 -0.41
N ASP A 258 -3.77 27.24 -0.73
CA ASP A 258 -4.13 27.49 -2.12
C ASP A 258 -2.97 28.00 -2.97
N LEU A 259 -1.77 28.08 -2.41
CA LEU A 259 -0.56 28.35 -3.18
C LEU A 259 0.32 27.11 -3.29
N ASP A 260 -0.10 25.98 -2.72
CA ASP A 260 0.65 24.74 -2.81
C ASP A 260 0.60 24.19 -4.22
N LEU A 261 1.78 23.90 -4.79
CA LEU A 261 1.84 23.41 -6.16
C LEU A 261 1.13 22.06 -6.33
N THR A 262 1.18 21.21 -5.30
CA THR A 262 0.49 19.92 -5.38
C THR A 262 -1.00 20.10 -5.58
N TYR A 263 -1.55 21.19 -5.04
CA TYR A 263 -2.97 21.49 -5.20
C TYR A 263 -3.35 21.76 -6.65
N TYR A 264 -2.39 22.05 -7.52
CA TYR A 264 -2.65 22.41 -8.91
C TYR A 264 -2.18 21.35 -9.90
N MET A 265 -1.83 20.16 -9.42
CA MET A 265 -1.49 19.06 -10.30
C MET A 265 -2.74 18.60 -11.06
N PRO A 266 -2.57 17.93 -12.20
CA PRO A 266 -3.71 17.64 -13.07
C PRO A 266 -4.87 16.97 -12.35
N GLY A 267 -6.05 17.56 -12.48
CA GLY A 267 -7.28 17.01 -11.95
C GLY A 267 -7.43 17.03 -10.45
N VAL A 268 -6.45 17.57 -9.71
CA VAL A 268 -6.49 17.49 -8.26
C VAL A 268 -7.61 18.34 -7.69
N LYS A 269 -7.75 19.58 -8.19
CA LYS A 269 -8.75 20.49 -7.64
C LYS A 269 -10.16 19.95 -7.85
N ASP A 270 -10.47 19.52 -9.07
CA ASP A 270 -11.77 18.93 -9.35
C ASP A 270 -11.98 17.65 -8.55
N TYR A 271 -10.93 16.84 -8.38
CA TYR A 271 -11.06 15.63 -7.57
C TYR A 271 -11.44 15.97 -6.14
N ILE A 272 -10.79 16.98 -5.57
CA ILE A 272 -11.06 17.35 -4.17
C ILE A 272 -12.45 17.93 -4.02
N HIS A 273 -12.86 18.80 -4.93
CA HIS A 273 -14.06 19.61 -4.72
C HIS A 273 -15.32 19.10 -5.42
N LYS A 274 -15.19 18.26 -6.45
CA LYS A 274 -16.34 17.87 -7.25
C LYS A 274 -16.90 16.49 -6.89
N GLY A 275 -16.42 15.86 -5.82
CA GLY A 275 -17.03 14.67 -5.28
C GLY A 275 -16.19 13.41 -5.34
N GLY A 276 -15.14 13.39 -6.17
CA GLY A 276 -14.32 12.19 -6.27
C GLY A 276 -13.58 11.88 -4.98
N PHE A 277 -13.02 12.91 -4.34
CA PHE A 277 -12.34 12.73 -3.06
C PHE A 277 -13.28 12.15 -2.02
N LYS A 278 -14.48 12.73 -1.89
CA LYS A 278 -15.46 12.24 -0.92
C LYS A 278 -15.91 10.83 -1.27
N ARG A 279 -15.99 10.49 -2.56
CA ARG A 279 -16.38 9.15 -2.97
C ARG A 279 -15.32 8.12 -2.56
N ASP A 280 -14.05 8.42 -2.82
CA ASP A 280 -12.99 7.48 -2.48
C ASP A 280 -12.68 7.46 -1.00
N VAL A 281 -12.96 8.55 -0.29
CA VAL A 281 -12.74 8.64 1.15
C VAL A 281 -14.08 8.93 1.80
N PRO A 282 -14.90 7.91 2.09
CA PRO A 282 -16.26 8.18 2.56
C PRO A 282 -16.33 8.92 3.87
N LEU A 283 -15.35 8.73 4.76
CA LEU A 283 -15.33 9.39 6.06
C LEU A 283 -14.51 10.69 6.03
N LEU A 284 -14.29 11.26 4.86
CA LEU A 284 -13.65 12.57 4.76
C LEU A 284 -14.57 13.61 5.38
N GLU A 285 -14.19 14.12 6.56
CA GLU A 285 -15.07 15.03 7.27
C GLU A 285 -15.07 16.42 6.65
N GLU A 286 -13.89 17.04 6.53
CA GLU A 286 -13.80 18.41 6.07
C GLU A 286 -12.54 18.57 5.22
N VAL A 287 -12.63 19.52 4.27
CA VAL A 287 -11.50 19.92 3.45
C VAL A 287 -11.25 21.40 3.70
N ILE A 288 -10.03 21.74 4.11
CA ILE A 288 -9.67 23.09 4.51
C ILE A 288 -8.64 23.62 3.53
N VAL A 289 -9.01 24.67 2.80
CA VAL A 289 -8.11 25.34 1.88
C VAL A 289 -7.74 26.68 2.49
N MET A 290 -6.50 26.81 2.94
CA MET A 290 -6.00 28.05 3.53
C MET A 290 -5.53 29.00 2.43
N GLU A 291 -6.01 30.24 2.48
CA GLU A 291 -5.67 31.22 1.47
C GLU A 291 -4.28 31.80 1.70
N GLY A 292 -3.52 31.93 0.62
CA GLY A 292 -2.20 32.52 0.71
C GLY A 292 -1.15 31.70 1.41
N VAL A 293 -1.39 30.40 1.57
CA VAL A 293 -0.45 29.51 2.26
C VAL A 293 0.19 28.58 1.23
N GLY A 294 1.49 28.35 1.38
CA GLY A 294 2.26 27.56 0.45
C GLY A 294 2.26 26.08 0.77
N HIS A 295 3.32 25.41 0.26
CA HIS A 295 3.39 23.96 0.34
C HIS A 295 3.68 23.48 1.76
N PHE A 296 4.58 24.17 2.47
CA PHE A 296 5.03 23.72 3.79
C PHE A 296 4.10 24.31 4.85
N ILE A 297 2.85 23.82 4.81
CA ILE A 297 1.78 24.42 5.60
C ILE A 297 1.99 24.17 7.10
N ASN A 298 2.56 23.02 7.47
CA ASN A 298 2.81 22.74 8.88
C ASN A 298 3.94 23.58 9.44
N GLY A 299 4.75 24.20 8.58
CA GLY A 299 5.77 25.12 9.03
C GLY A 299 5.34 26.56 8.88
N GLU A 300 4.67 26.86 7.76
CA GLU A 300 4.19 28.22 7.53
C GLU A 300 3.04 28.57 8.46
N LYS A 301 2.13 27.63 8.72
CA LYS A 301 1.04 27.85 9.66
C LYS A 301 1.09 26.82 10.79
N ALA A 302 2.15 26.87 11.60
CA ALA A 302 2.38 25.81 12.59
C ALA A 302 1.26 25.76 13.63
N ASP A 303 0.92 26.91 14.22
CA ASP A 303 -0.09 26.91 15.28
C ASP A 303 -1.47 26.56 14.75
N ALA A 304 -1.82 27.07 13.57
CA ALA A 304 -3.12 26.74 12.99
C ALA A 304 -3.23 25.25 12.67
N ILE A 305 -2.16 24.67 12.13
CA ILE A 305 -2.17 23.24 11.82
C ILE A 305 -2.25 22.42 13.10
N SER A 306 -1.50 22.82 14.13
CA SER A 306 -1.59 22.13 15.41
C SER A 306 -3.00 22.18 15.97
N GLU A 307 -3.64 23.34 15.88
CA GLU A 307 -5.01 23.48 16.38
C GLU A 307 -5.97 22.60 15.60
N HIS A 308 -5.82 22.56 14.27
CA HIS A 308 -6.68 21.69 13.47
C HIS A 308 -6.49 20.22 13.84
N ILE A 309 -5.23 19.80 13.99
CA ILE A 309 -4.94 18.42 14.39
C ILE A 309 -5.62 18.11 15.73
N TYR A 310 -5.42 18.98 16.72
CA TYR A 310 -5.97 18.73 18.04
C TYR A 310 -7.50 18.68 17.99
N ASN A 311 -8.12 19.64 17.31
CA ASN A 311 -9.58 19.71 17.28
C ASN A 311 -10.17 18.50 16.56
N PHE A 312 -9.50 18.00 15.53
CA PHE A 312 -10.03 16.83 14.83
C PHE A 312 -9.84 15.57 15.67
N PHE A 313 -8.69 15.40 16.29
CA PHE A 313 -8.46 14.18 17.06
C PHE A 313 -9.21 14.19 18.39
N GLN A 314 -9.66 15.35 18.86
CA GLN A 314 -10.48 15.39 20.07
C GLN A 314 -11.86 14.79 19.85
N LYS A 315 -12.32 14.71 18.60
CA LYS A 315 -13.62 14.12 18.30
C LYS A 315 -13.64 12.60 18.44
N PHE A 316 -12.50 11.97 18.76
CA PHE A 316 -12.43 10.52 18.88
C PHE A 316 -11.90 10.10 20.25
N LYS A 317 -12.02 10.95 21.26
CA LYS A 317 -11.57 10.62 22.60
C LYS A 317 -12.54 9.65 23.27
N ILE B 2 -19.96 -24.75 -20.98
CA ILE B 2 -19.07 -23.79 -20.32
C ILE B 2 -18.64 -22.72 -21.31
N GLN B 3 -18.99 -21.46 -21.02
CA GLN B 3 -18.61 -20.35 -21.87
C GLN B 3 -17.13 -20.01 -21.69
N HIS B 4 -16.52 -19.53 -22.76
CA HIS B 4 -15.10 -19.16 -22.75
C HIS B 4 -14.94 -17.79 -23.40
N ARG B 5 -14.16 -16.93 -22.75
CA ARG B 5 -13.94 -15.58 -23.26
C ARG B 5 -12.49 -15.16 -23.05
N ILE B 6 -12.06 -14.20 -23.87
CA ILE B 6 -10.79 -13.51 -23.67
C ILE B 6 -11.14 -12.08 -23.27
N VAL B 7 -10.72 -11.68 -22.07
CA VAL B 7 -11.10 -10.41 -21.48
C VAL B 7 -9.84 -9.59 -21.21
N ASN B 8 -9.87 -8.32 -21.61
CA ASN B 8 -8.75 -7.42 -21.35
C ASN B 8 -8.89 -6.84 -19.95
N VAL B 9 -7.90 -7.12 -19.10
CA VAL B 9 -7.86 -6.62 -17.72
C VAL B 9 -6.59 -5.77 -17.61
N ASN B 10 -6.74 -4.46 -17.70
CA ASN B 10 -5.64 -3.52 -17.51
C ASN B 10 -4.45 -3.85 -18.42
N GLY B 11 -4.74 -4.32 -19.62
CA GLY B 11 -3.72 -4.64 -20.60
C GLY B 11 -3.39 -6.11 -20.72
N LEU B 12 -3.84 -6.95 -19.79
CA LEU B 12 -3.55 -8.38 -19.81
C LEU B 12 -4.76 -9.12 -20.35
N ASN B 13 -4.57 -9.88 -21.42
CA ASN B 13 -5.65 -10.70 -21.98
C ASN B 13 -5.75 -11.98 -21.16
N MET B 14 -6.84 -12.14 -20.43
CA MET B 14 -7.07 -13.30 -19.58
C MET B 14 -8.13 -14.19 -20.20
N HIS B 15 -7.87 -15.49 -20.20
CA HIS B 15 -8.86 -16.48 -20.58
C HIS B 15 -9.75 -16.79 -19.39
N VAL B 16 -11.06 -16.73 -19.59
CA VAL B 16 -12.04 -16.91 -18.52
C VAL B 16 -13.05 -17.95 -18.95
N ALA B 17 -13.17 -19.03 -18.17
CA ALA B 17 -14.28 -19.96 -18.30
C ALA B 17 -15.37 -19.56 -17.32
N GLU B 18 -16.62 -19.70 -17.74
CA GLU B 18 -17.73 -19.16 -16.97
C GLU B 18 -18.97 -20.01 -17.21
N LYS B 19 -19.70 -20.29 -16.13
CA LYS B 19 -20.95 -21.03 -16.27
C LYS B 19 -21.85 -20.77 -15.06
N GLY B 20 -23.14 -20.64 -15.32
CA GLY B 20 -24.11 -20.45 -14.26
C GLY B 20 -24.60 -19.03 -14.15
N GLU B 21 -25.46 -18.82 -13.17
CA GLU B 21 -26.05 -17.51 -12.93
C GLU B 21 -26.36 -17.37 -11.45
N GLY B 22 -26.10 -16.17 -10.91
CA GLY B 22 -26.32 -15.91 -9.51
C GLY B 22 -25.09 -15.33 -8.85
N PRO B 23 -24.91 -15.61 -7.55
CA PRO B 23 -23.71 -15.12 -6.86
C PRO B 23 -22.44 -15.73 -7.44
N VAL B 24 -21.41 -14.91 -7.52
CA VAL B 24 -20.17 -15.28 -8.19
C VAL B 24 -19.29 -16.09 -7.26
N ILE B 25 -18.70 -17.15 -7.80
CA ILE B 25 -17.64 -17.91 -7.14
C ILE B 25 -16.41 -17.86 -8.03
N LEU B 26 -15.32 -17.31 -7.50
CA LEU B 26 -14.07 -17.18 -8.24
C LEU B 26 -13.15 -18.35 -7.87
N PHE B 27 -12.87 -19.21 -8.86
CA PHE B 27 -11.98 -20.35 -8.69
C PHE B 27 -10.58 -19.98 -9.13
N ILE B 28 -9.59 -20.23 -8.28
CA ILE B 28 -8.20 -19.90 -8.54
C ILE B 28 -7.40 -21.19 -8.56
N HIS B 29 -6.95 -21.59 -9.76
CA HIS B 29 -6.26 -22.86 -9.93
C HIS B 29 -4.82 -22.76 -9.40
N GLY B 30 -4.21 -23.94 -9.23
CA GLY B 30 -2.86 -24.04 -8.72
C GLY B 30 -1.83 -24.27 -9.81
N PHE B 31 -0.69 -24.83 -9.40
CA PHE B 31 0.44 -25.05 -10.29
C PHE B 31 0.84 -26.52 -10.22
N PRO B 32 1.04 -27.19 -11.36
CA PRO B 32 0.82 -26.65 -12.71
C PRO B 32 -0.55 -27.02 -13.24
N GLU B 33 -1.53 -26.14 -13.04
CA GLU B 33 -2.92 -26.42 -13.40
C GLU B 33 -3.46 -25.28 -14.28
N LEU B 34 -4.71 -25.44 -14.69
CA LEU B 34 -5.43 -24.45 -15.48
C LEU B 34 -6.85 -24.33 -14.93
N TRP B 35 -7.67 -23.53 -15.61
CA TRP B 35 -9.10 -23.49 -15.30
C TRP B 35 -9.71 -24.88 -15.32
N TYR B 36 -9.17 -25.76 -16.16
CA TYR B 36 -9.73 -27.10 -16.37
C TYR B 36 -9.84 -27.88 -15.07
N SER B 37 -8.94 -27.62 -14.12
CA SER B 37 -8.95 -28.33 -12.85
C SER B 37 -10.26 -28.10 -12.08
N TRP B 38 -11.01 -27.07 -12.41
CA TRP B 38 -12.27 -26.77 -11.74
C TRP B 38 -13.49 -27.24 -12.52
N ARG B 39 -13.28 -27.98 -13.62
CA ARG B 39 -14.38 -28.26 -14.55
C ARG B 39 -15.55 -28.95 -13.88
N HIS B 40 -15.30 -29.76 -12.85
CA HIS B 40 -16.38 -30.46 -12.17
C HIS B 40 -17.11 -29.54 -11.20
N GLN B 41 -16.39 -28.64 -10.53
CA GLN B 41 -17.04 -27.68 -9.65
C GLN B 41 -17.84 -26.66 -10.43
N ILE B 42 -17.23 -26.11 -11.49
CA ILE B 42 -17.90 -25.11 -12.33
C ILE B 42 -19.29 -25.58 -12.72
N ILE B 43 -19.38 -26.82 -13.22
CA ILE B 43 -20.67 -27.37 -13.59
C ILE B 43 -21.57 -27.49 -12.36
N ALA B 44 -21.06 -28.13 -11.31
CA ALA B 44 -21.90 -28.44 -10.14
C ALA B 44 -22.50 -27.17 -9.56
N LEU B 45 -21.64 -26.23 -9.13
CA LEU B 45 -22.12 -24.99 -8.55
C LEU B 45 -22.93 -24.18 -9.55
N ALA B 46 -22.78 -24.42 -10.85
CA ALA B 46 -23.63 -23.74 -11.82
C ALA B 46 -25.07 -24.23 -11.72
N SER B 47 -25.26 -25.55 -11.53
CA SER B 47 -26.59 -26.10 -11.40
C SER B 47 -27.21 -25.85 -10.04
N LEU B 48 -26.42 -25.35 -9.08
CA LEU B 48 -26.89 -25.06 -7.74
C LEU B 48 -27.19 -23.58 -7.53
N GLY B 49 -27.26 -22.80 -8.61
CA GLY B 49 -27.62 -21.39 -8.50
C GLY B 49 -26.46 -20.45 -8.29
N TYR B 50 -25.26 -20.79 -8.78
CA TYR B 50 -24.11 -19.93 -8.64
C TYR B 50 -23.51 -19.66 -10.02
N ARG B 51 -22.76 -18.56 -10.11
CA ARG B 51 -22.07 -18.15 -11.33
C ARG B 51 -20.58 -18.45 -11.13
N ALA B 52 -20.16 -19.63 -11.56
CA ALA B 52 -18.76 -20.04 -11.44
C ALA B 52 -17.92 -19.36 -12.51
N ILE B 53 -16.84 -18.71 -12.07
CA ILE B 53 -15.90 -18.02 -12.93
C ILE B 53 -14.50 -18.55 -12.61
N ALA B 54 -13.89 -19.22 -13.57
CA ALA B 54 -12.54 -19.76 -13.40
C ALA B 54 -11.64 -19.21 -14.50
N PRO B 55 -10.71 -18.32 -14.19
CA PRO B 55 -9.79 -17.84 -15.21
C PRO B 55 -8.49 -18.63 -15.22
N ASP B 56 -7.81 -18.57 -16.37
CA ASP B 56 -6.40 -18.94 -16.43
C ASP B 56 -5.57 -17.79 -15.88
N LEU B 57 -4.77 -18.09 -14.86
CA LEU B 57 -4.00 -17.03 -14.22
C LEU B 57 -2.91 -16.52 -15.16
N ARG B 58 -2.36 -15.36 -14.79
CA ARG B 58 -1.32 -14.71 -15.58
C ARG B 58 -0.17 -15.66 -15.86
N GLY B 59 0.12 -15.86 -17.15
CA GLY B 59 1.15 -16.79 -17.56
C GLY B 59 0.72 -18.23 -17.69
N PHE B 60 -0.58 -18.51 -17.69
CA PHE B 60 -1.10 -19.86 -17.78
C PHE B 60 -2.09 -19.97 -18.94
N GLY B 61 -2.05 -21.12 -19.61
CA GLY B 61 -3.07 -21.44 -20.60
C GLY B 61 -3.19 -20.39 -21.69
N ASP B 62 -4.43 -19.95 -21.92
CA ASP B 62 -4.72 -18.93 -22.92
C ASP B 62 -4.74 -17.52 -22.35
N THR B 63 -4.04 -17.29 -21.24
CA THR B 63 -3.86 -15.96 -20.69
C THR B 63 -2.45 -15.48 -21.02
N ASP B 64 -2.32 -14.18 -21.26
CA ASP B 64 -1.04 -13.60 -21.65
C ASP B 64 0.04 -13.94 -20.62
N ALA B 65 1.26 -14.11 -21.09
CA ALA B 65 2.42 -14.37 -20.25
C ALA B 65 3.44 -13.26 -20.46
N PRO B 66 3.48 -12.25 -19.58
CA PRO B 66 4.44 -11.17 -19.75
C PRO B 66 5.86 -11.72 -19.72
N PRO B 67 6.77 -11.09 -20.45
CA PRO B 67 8.14 -11.63 -20.55
C PRO B 67 8.96 -11.46 -19.28
N SER B 68 8.94 -10.28 -18.68
CA SER B 68 9.80 -10.00 -17.54
C SER B 68 9.33 -10.77 -16.31
N VAL B 69 10.28 -11.36 -15.59
CA VAL B 69 9.96 -12.08 -14.36
C VAL B 69 9.46 -11.13 -13.27
N SER B 70 9.78 -9.85 -13.38
CA SER B 70 9.32 -8.87 -12.40
C SER B 70 7.81 -8.63 -12.46
N SER B 71 7.13 -9.18 -13.46
CA SER B 71 5.69 -9.02 -13.62
C SER B 71 4.89 -10.14 -12.97
N TYR B 72 5.50 -10.90 -12.05
CA TYR B 72 4.87 -12.08 -11.48
C TYR B 72 4.91 -12.05 -9.96
N THR B 73 4.72 -10.86 -9.38
CA THR B 73 4.55 -10.76 -7.93
C THR B 73 3.11 -11.09 -7.56
N CYS B 74 2.88 -11.32 -6.26
CA CYS B 74 1.53 -11.55 -5.78
C CYS B 74 0.64 -10.35 -6.08
N PHE B 75 1.20 -9.15 -6.05
CA PHE B 75 0.42 -7.95 -6.36
C PHE B 75 -0.11 -7.98 -7.79
N HIS B 76 0.71 -8.46 -8.73
CA HIS B 76 0.26 -8.54 -10.13
C HIS B 76 -0.92 -9.48 -10.27
N VAL B 77 -0.84 -10.67 -9.67
CA VAL B 77 -1.90 -11.66 -9.82
C VAL B 77 -3.18 -11.19 -9.14
N VAL B 78 -3.05 -10.64 -7.92
CA VAL B 78 -4.24 -10.18 -7.22
C VAL B 78 -4.87 -8.99 -7.95
N GLY B 79 -4.04 -8.11 -8.54
CA GLY B 79 -4.59 -7.02 -9.33
C GLY B 79 -5.30 -7.52 -10.57
N ASP B 80 -4.75 -8.56 -11.21
CA ASP B 80 -5.46 -9.20 -12.32
C ASP B 80 -6.83 -9.67 -11.88
N LEU B 81 -6.90 -10.35 -10.72
CA LEU B 81 -8.17 -10.88 -10.25
C LEU B 81 -9.16 -9.76 -9.89
N ILE B 82 -8.67 -8.69 -9.27
CA ILE B 82 -9.54 -7.56 -8.91
C ILE B 82 -10.08 -6.90 -10.17
N GLY B 83 -9.22 -6.66 -11.16
CA GLY B 83 -9.68 -6.09 -12.41
C GLY B 83 -10.65 -6.98 -13.14
N LEU B 84 -10.41 -8.30 -13.10
CA LEU B 84 -11.33 -9.24 -13.73
C LEU B 84 -12.70 -9.19 -13.08
N LEU B 85 -12.73 -9.17 -11.74
CA LEU B 85 -14.01 -9.03 -11.04
C LEU B 85 -14.71 -7.72 -11.41
N ASP B 86 -13.93 -6.64 -11.54
CA ASP B 86 -14.55 -5.36 -11.90
C ASP B 86 -15.07 -5.38 -13.34
N VAL B 87 -14.47 -6.19 -14.20
CA VAL B 87 -14.92 -6.23 -15.60
C VAL B 87 -16.15 -7.12 -15.75
N VAL B 88 -16.08 -8.36 -15.27
CA VAL B 88 -17.13 -9.33 -15.55
C VAL B 88 -18.18 -9.43 -14.45
N ALA B 89 -17.99 -8.73 -13.34
CA ALA B 89 -18.95 -8.79 -12.24
C ALA B 89 -18.93 -7.46 -11.46
N SER B 90 -19.07 -6.35 -12.18
CA SER B 90 -18.99 -5.04 -11.55
C SER B 90 -20.15 -4.78 -10.60
N ASP B 91 -21.29 -5.44 -10.82
CA ASP B 91 -22.45 -5.26 -9.95
C ASP B 91 -22.35 -6.02 -8.65
N ARG B 92 -21.30 -6.82 -8.46
CA ARG B 92 -21.13 -7.62 -7.26
C ARG B 92 -20.15 -6.92 -6.31
N ASP B 93 -20.65 -6.51 -5.14
CA ASP B 93 -19.78 -5.90 -4.15
C ASP B 93 -18.80 -6.93 -3.57
N LYS B 94 -19.29 -8.12 -3.25
CA LYS B 94 -18.46 -9.21 -2.76
C LYS B 94 -18.74 -10.46 -3.56
N VAL B 95 -17.75 -11.35 -3.60
CA VAL B 95 -17.84 -12.62 -4.29
C VAL B 95 -17.30 -13.72 -3.39
N PHE B 96 -17.62 -14.96 -3.76
CA PHE B 96 -17.03 -16.12 -3.09
C PHE B 96 -15.77 -16.55 -3.83
N VAL B 97 -14.83 -17.10 -3.07
CA VAL B 97 -13.52 -17.47 -3.60
C VAL B 97 -13.21 -18.91 -3.21
N VAL B 98 -12.71 -19.68 -4.18
CA VAL B 98 -12.21 -21.03 -3.96
C VAL B 98 -10.83 -21.14 -4.57
N GLY B 99 -9.85 -21.54 -3.77
CA GLY B 99 -8.49 -21.68 -4.24
C GLY B 99 -7.94 -23.06 -3.96
N HIS B 100 -6.87 -23.40 -4.67
CA HIS B 100 -6.21 -24.68 -4.53
C HIS B 100 -4.74 -24.55 -4.83
N ASP B 101 -3.89 -25.11 -3.96
CA ASP B 101 -2.43 -25.15 -4.15
C ASP B 101 -1.94 -23.71 -4.26
N TRP B 102 -1.21 -23.34 -5.32
CA TRP B 102 -0.73 -21.97 -5.45
C TRP B 102 -1.89 -21.00 -5.53
N GLY B 103 -2.98 -21.40 -6.19
CA GLY B 103 -4.17 -20.57 -6.21
C GLY B 103 -4.75 -20.32 -4.84
N ALA B 104 -4.55 -21.25 -3.91
CA ALA B 104 -4.90 -20.98 -2.52
C ALA B 104 -4.07 -19.84 -1.95
N LEU B 105 -2.75 -19.88 -2.21
CA LEU B 105 -1.87 -18.82 -1.74
C LEU B 105 -2.32 -17.47 -2.28
N ILE B 106 -2.51 -17.38 -3.60
CA ILE B 106 -3.08 -16.17 -4.19
C ILE B 106 -4.36 -15.78 -3.47
N ALA B 107 -5.23 -16.76 -3.22
CA ALA B 107 -6.47 -16.50 -2.51
C ALA B 107 -6.20 -15.81 -1.19
N TRP B 108 -5.25 -16.33 -0.42
CA TRP B 108 -4.87 -15.68 0.84
C TRP B 108 -4.54 -14.21 0.60
N TYR B 109 -3.66 -13.95 -0.36
CA TYR B 109 -3.31 -12.57 -0.68
C TYR B 109 -4.55 -11.77 -1.05
N LEU B 110 -5.44 -12.36 -1.86
CA LEU B 110 -6.67 -11.68 -2.23
C LEU B 110 -7.47 -11.31 -0.99
N CYS B 111 -7.55 -12.23 -0.02
CA CYS B 111 -8.28 -11.91 1.21
C CYS B 111 -7.49 -10.98 2.10
N LEU B 112 -6.16 -11.00 2.00
CA LEU B 112 -5.35 -10.10 2.82
C LEU B 112 -5.43 -8.67 2.31
N PHE B 113 -5.32 -8.49 0.99
CA PHE B 113 -5.31 -7.15 0.42
C PHE B 113 -6.70 -6.54 0.34
N ARG B 114 -7.70 -7.34 -0.05
CA ARG B 114 -9.05 -6.84 -0.30
C ARG B 114 -10.08 -7.72 0.39
N PRO B 115 -10.15 -7.67 1.72
CA PRO B 115 -11.22 -8.41 2.41
C PRO B 115 -12.61 -7.85 2.14
N ASP B 116 -12.71 -6.60 1.68
CA ASP B 116 -14.00 -6.01 1.35
C ASP B 116 -14.61 -6.60 0.09
N LYS B 117 -13.86 -7.41 -0.67
CA LYS B 117 -14.37 -8.00 -1.89
C LYS B 117 -14.71 -9.48 -1.77
N VAL B 118 -14.42 -10.10 -0.63
CA VAL B 118 -14.60 -11.54 -0.45
C VAL B 118 -15.63 -11.77 0.65
N LYS B 119 -16.68 -12.52 0.33
CA LYS B 119 -17.70 -12.85 1.31
C LYS B 119 -17.31 -14.08 2.13
N ALA B 120 -16.73 -15.09 1.47
CA ALA B 120 -16.28 -16.30 2.15
C ALA B 120 -15.27 -17.00 1.25
N LEU B 121 -14.45 -17.84 1.88
CA LEU B 121 -13.34 -18.50 1.20
C LEU B 121 -13.31 -19.99 1.52
N VAL B 122 -13.09 -20.80 0.50
CA VAL B 122 -12.81 -22.21 0.66
C VAL B 122 -11.45 -22.47 0.00
N ASN B 123 -10.46 -22.81 0.81
CA ASN B 123 -9.10 -23.01 0.32
C ASN B 123 -8.68 -24.47 0.47
N LEU B 124 -7.90 -24.94 -0.49
CA LEU B 124 -7.50 -26.34 -0.57
C LEU B 124 -5.98 -26.45 -0.49
N SER B 125 -5.51 -27.41 0.31
CA SER B 125 -4.12 -27.86 0.35
C SER B 125 -3.17 -26.88 1.05
N VAL B 126 -3.26 -25.59 0.75
CA VAL B 126 -2.30 -24.60 1.23
C VAL B 126 -2.97 -23.72 2.27
N ALA B 127 -2.45 -23.74 3.50
CA ALA B 127 -2.94 -22.92 4.58
C ALA B 127 -2.27 -21.55 4.57
N PHE B 128 -2.83 -20.63 5.36
CA PHE B 128 -2.30 -19.28 5.45
C PHE B 128 -0.90 -19.28 6.07
N ASN B 129 -0.07 -18.37 5.60
CA ASN B 129 1.29 -18.24 6.12
C ASN B 129 1.51 -16.82 6.62
N PRO B 130 1.62 -16.61 7.92
CA PRO B 130 1.80 -15.24 8.43
C PRO B 130 3.18 -14.70 8.10
N TRP B 131 3.24 -13.40 7.86
CA TRP B 131 4.50 -12.75 7.52
C TRP B 131 5.41 -12.72 8.75
N ASN B 132 6.61 -13.29 8.61
CA ASN B 132 7.59 -13.34 9.67
C ASN B 132 8.82 -12.54 9.27
N PRO B 133 9.24 -11.54 10.04
CA PRO B 133 10.42 -10.76 9.66
C PRO B 133 11.74 -11.50 9.79
N LYS B 134 11.73 -12.77 10.20
CA LYS B 134 12.96 -13.54 10.36
C LYS B 134 13.02 -14.76 9.46
N ARG B 135 12.17 -14.83 8.43
CA ARG B 135 12.17 -15.96 7.51
C ARG B 135 11.79 -15.44 6.12
N LYS B 136 12.77 -15.32 5.25
CA LYS B 136 12.55 -14.79 3.90
C LYS B 136 11.70 -15.75 3.07
N THR B 224 6.70 -22.36 -17.19
CA THR B 224 7.55 -21.18 -17.12
C THR B 224 6.89 -20.05 -16.32
N GLY B 225 5.55 -20.07 -16.28
CA GLY B 225 4.84 -19.06 -15.51
C GLY B 225 4.99 -19.28 -14.02
N GLY B 226 4.74 -20.51 -13.55
CA GLY B 226 4.96 -20.80 -12.14
C GLY B 226 6.39 -20.63 -11.71
N VAL B 227 7.34 -20.86 -12.62
CA VAL B 227 8.74 -20.59 -12.31
C VAL B 227 8.96 -19.11 -12.08
N ASN B 228 8.38 -18.26 -12.93
CA ASN B 228 8.46 -16.82 -12.72
C ASN B 228 7.81 -16.42 -11.39
N TYR B 229 6.72 -17.10 -11.02
CA TYR B 229 6.05 -16.81 -9.75
C TYR B 229 6.95 -17.14 -8.57
N TYR B 230 7.52 -18.34 -8.57
CA TYR B 230 8.37 -18.76 -7.46
C TYR B 230 9.73 -18.08 -7.46
N ARG B 231 10.10 -17.42 -8.56
CA ARG B 231 11.26 -16.54 -8.56
C ARG B 231 10.98 -15.21 -7.87
N ASN B 232 9.75 -14.94 -7.48
CA ASN B 232 9.37 -13.71 -6.80
C ASN B 232 8.92 -13.95 -5.36
N ILE B 233 9.28 -15.09 -4.78
CA ILE B 233 8.84 -15.41 -3.42
C ILE B 233 9.47 -14.44 -2.42
N ASN B 234 10.78 -14.23 -2.51
CA ASN B 234 11.45 -13.30 -1.62
C ASN B 234 11.01 -11.87 -1.88
N VAL B 235 10.68 -11.54 -3.13
CA VAL B 235 10.15 -10.20 -3.44
C VAL B 235 8.81 -10.00 -2.73
N ASN B 236 7.92 -10.99 -2.84
CA ASN B 236 6.64 -10.90 -2.15
C ASN B 236 6.84 -10.77 -0.64
N TRP B 237 7.77 -11.54 -0.08
CA TRP B 237 8.02 -11.47 1.35
C TRP B 237 8.50 -10.08 1.75
N GLU B 238 9.46 -9.53 1.01
CA GLU B 238 9.99 -8.21 1.34
C GLU B 238 8.94 -7.12 1.18
N LEU B 239 8.04 -7.26 0.20
CA LEU B 239 7.05 -6.22 -0.04
C LEU B 239 5.79 -6.37 0.79
N THR B 240 5.58 -7.50 1.46
CA THR B 240 4.41 -7.69 2.31
C THR B 240 4.67 -7.34 3.77
N ALA B 241 5.75 -6.61 4.05
CA ALA B 241 5.99 -6.14 5.41
C ALA B 241 4.87 -5.28 6.00
N PRO B 242 4.12 -4.48 5.24
CA PRO B 242 3.00 -3.75 5.85
C PRO B 242 1.98 -4.63 6.55
N TRP B 243 1.88 -5.92 6.18
CA TRP B 243 0.90 -6.81 6.77
C TRP B 243 1.49 -7.69 7.87
N ALA B 244 2.59 -7.25 8.49
CA ALA B 244 3.10 -7.92 9.66
C ALA B 244 2.08 -7.83 10.79
N GLY B 245 1.68 -8.99 11.32
CA GLY B 245 0.66 -9.03 12.35
C GLY B 245 -0.76 -8.93 11.85
N SER B 246 -0.97 -8.87 10.53
CA SER B 246 -2.31 -8.79 9.99
C SER B 246 -3.05 -10.11 10.17
N GLN B 247 -4.37 -10.02 10.18
CA GLN B 247 -5.26 -11.17 10.23
C GLN B 247 -6.14 -11.19 8.99
N ILE B 248 -6.54 -12.40 8.58
CA ILE B 248 -7.51 -12.56 7.51
C ILE B 248 -8.90 -12.28 8.09
N LYS B 249 -9.61 -11.33 7.48
CA LYS B 249 -10.92 -10.89 7.97
C LYS B 249 -12.07 -11.58 7.25
N VAL B 250 -11.83 -12.74 6.65
CA VAL B 250 -12.83 -13.42 5.82
C VAL B 250 -13.16 -14.78 6.41
N PRO B 251 -14.43 -15.19 6.44
CA PRO B 251 -14.76 -16.57 6.85
C PRO B 251 -14.12 -17.58 5.92
N VAL B 252 -13.50 -18.61 6.50
CA VAL B 252 -12.69 -19.56 5.74
C VAL B 252 -13.08 -20.98 6.12
N LYS B 253 -13.24 -21.83 5.11
CA LYS B 253 -13.29 -23.28 5.26
C LYS B 253 -12.06 -23.86 4.59
N PHE B 254 -11.27 -24.63 5.33
CA PHE B 254 -10.02 -25.18 4.84
C PHE B 254 -10.13 -26.69 4.68
N ILE B 255 -9.71 -27.20 3.52
CA ILE B 255 -9.78 -28.61 3.20
C ILE B 255 -8.40 -29.06 2.73
N VAL B 256 -7.91 -30.18 3.26
CA VAL B 256 -6.62 -30.73 2.88
C VAL B 256 -6.71 -32.25 2.90
N GLY B 257 -5.94 -32.88 2.02
CA GLY B 257 -5.91 -34.32 1.93
C GLY B 257 -4.91 -34.95 2.88
N ASP B 258 -5.27 -36.12 3.41
CA ASP B 258 -4.41 -36.83 4.35
C ASP B 258 -3.09 -37.23 3.71
N LEU B 259 -3.09 -37.49 2.40
CA LEU B 259 -1.90 -37.91 1.67
C LEU B 259 -1.28 -36.77 0.86
N ASP B 260 -1.35 -35.54 1.37
CA ASP B 260 -0.78 -34.39 0.68
C ASP B 260 0.63 -34.14 1.20
N LEU B 261 1.58 -33.99 0.28
CA LEU B 261 2.97 -33.78 0.67
C LEU B 261 3.15 -32.46 1.40
N THR B 262 2.41 -31.42 0.99
CA THR B 262 2.49 -30.14 1.67
C THR B 262 1.96 -30.24 3.10
N TYR B 263 1.06 -31.18 3.36
CA TYR B 263 0.48 -31.36 4.69
C TYR B 263 1.50 -31.85 5.70
N TYR B 264 2.62 -32.41 5.24
CA TYR B 264 3.65 -32.94 6.13
C TYR B 264 4.94 -32.12 6.09
N MET B 265 4.92 -30.94 5.47
CA MET B 265 6.05 -30.03 5.58
C MET B 265 6.21 -29.60 7.04
N PRO B 266 7.44 -29.32 7.48
CA PRO B 266 7.66 -29.02 8.90
C PRO B 266 6.91 -27.78 9.34
N GLY B 267 6.16 -27.91 10.44
CA GLY B 267 5.42 -26.83 11.03
C GLY B 267 4.00 -26.65 10.51
N VAL B 268 3.66 -27.27 9.39
CA VAL B 268 2.35 -27.06 8.78
C VAL B 268 1.25 -27.69 9.64
N LYS B 269 1.47 -28.93 10.08
CA LYS B 269 0.45 -29.63 10.86
C LYS B 269 0.18 -28.92 12.19
N ASP B 270 1.24 -28.54 12.89
CA ASP B 270 1.07 -27.83 14.16
C ASP B 270 0.38 -26.49 13.94
N TYR B 271 0.73 -25.78 12.87
CA TYR B 271 0.09 -24.50 12.59
C TYR B 271 -1.40 -24.69 12.32
N ILE B 272 -1.76 -25.73 11.56
CA ILE B 272 -3.15 -25.93 11.18
C ILE B 272 -3.98 -26.35 12.39
N HIS B 273 -3.45 -27.25 13.21
CA HIS B 273 -4.28 -27.93 14.20
C HIS B 273 -4.11 -27.44 15.63
N LYS B 274 -3.08 -26.66 15.93
CA LYS B 274 -2.77 -26.33 17.32
C LYS B 274 -2.97 -24.86 17.67
N GLY B 275 -3.61 -24.08 16.81
CA GLY B 275 -4.09 -22.74 17.15
C GLY B 275 -3.59 -21.64 16.25
N GLY B 276 -2.39 -21.81 15.67
CA GLY B 276 -1.80 -20.74 14.87
C GLY B 276 -2.68 -20.33 13.70
N PHE B 277 -3.23 -21.31 12.99
CA PHE B 277 -4.13 -21.03 11.88
C PHE B 277 -5.33 -20.19 12.33
N LYS B 278 -5.98 -20.61 13.42
CA LYS B 278 -7.11 -19.85 13.94
C LYS B 278 -6.67 -18.49 14.45
N ARG B 279 -5.47 -18.42 15.05
CA ARG B 279 -4.96 -17.15 15.55
C ARG B 279 -4.81 -16.13 14.43
N ASP B 280 -4.24 -16.55 13.30
CA ASP B 280 -4.03 -15.64 12.18
C ASP B 280 -5.27 -15.49 11.30
N VAL B 281 -6.15 -16.49 11.31
CA VAL B 281 -7.38 -16.43 10.53
C VAL B 281 -8.55 -16.59 11.49
N PRO B 282 -8.99 -15.50 12.15
CA PRO B 282 -9.96 -15.65 13.24
C PRO B 282 -11.34 -16.12 12.80
N LEU B 283 -11.70 -15.97 11.52
CA LEU B 283 -12.99 -16.43 11.03
C LEU B 283 -12.91 -17.81 10.38
N LEU B 284 -11.85 -18.56 10.67
CA LEU B 284 -11.75 -19.95 10.21
C LEU B 284 -12.80 -20.78 10.93
N GLU B 285 -13.78 -21.29 10.18
CA GLU B 285 -14.88 -22.03 10.76
C GLU B 285 -14.71 -23.54 10.72
N GLU B 286 -14.05 -24.07 9.69
CA GLU B 286 -13.94 -25.51 9.52
C GLU B 286 -12.56 -25.89 9.00
N VAL B 287 -12.01 -26.97 9.54
CA VAL B 287 -10.78 -27.57 9.04
C VAL B 287 -11.09 -29.04 8.75
N ILE B 288 -11.03 -29.42 7.48
CA ILE B 288 -11.45 -30.75 7.03
C ILE B 288 -10.22 -31.46 6.46
N VAL B 289 -9.93 -32.64 7.01
CA VAL B 289 -8.83 -33.48 6.56
C VAL B 289 -9.45 -34.73 5.94
N MET B 290 -9.42 -34.81 4.61
CA MET B 290 -9.96 -35.95 3.90
C MET B 290 -8.94 -37.09 3.92
N GLU B 291 -9.32 -38.21 4.53
CA GLU B 291 -8.40 -39.34 4.68
C GLU B 291 -8.24 -40.09 3.35
N GLY B 292 -7.00 -40.44 3.04
CA GLY B 292 -6.71 -41.16 1.81
C GLY B 292 -6.81 -40.33 0.56
N VAL B 293 -6.70 -39.01 0.65
CA VAL B 293 -6.80 -38.12 -0.49
C VAL B 293 -5.47 -37.39 -0.66
N GLY B 294 -5.04 -37.26 -1.91
CA GLY B 294 -3.76 -36.66 -2.23
C GLY B 294 -3.80 -35.16 -2.34
N HIS B 295 -2.88 -34.61 -3.14
CA HIS B 295 -2.75 -33.17 -3.27
C HIS B 295 -3.80 -32.57 -4.20
N PHE B 296 -4.06 -33.22 -5.33
CA PHE B 296 -5.04 -32.73 -6.30
C PHE B 296 -6.43 -33.17 -5.83
N ILE B 297 -6.95 -32.43 -4.85
CA ILE B 297 -8.17 -32.84 -4.17
C ILE B 297 -9.41 -32.43 -4.95
N ASN B 298 -9.35 -31.34 -5.73
CA ASN B 298 -10.51 -30.86 -6.46
C ASN B 298 -10.92 -31.79 -7.59
N GLY B 299 -10.02 -32.66 -8.05
CA GLY B 299 -10.35 -33.60 -9.10
C GLY B 299 -10.47 -35.03 -8.59
N GLU B 300 -9.72 -35.35 -7.53
CA GLU B 300 -9.79 -36.69 -6.96
C GLU B 300 -11.10 -36.92 -6.24
N LYS B 301 -11.54 -35.94 -5.43
CA LYS B 301 -12.83 -36.00 -4.76
C LYS B 301 -13.71 -34.86 -5.24
N ALA B 302 -14.01 -34.84 -6.54
CA ALA B 302 -14.67 -33.67 -7.14
C ALA B 302 -16.04 -33.42 -6.52
N ASP B 303 -16.85 -34.46 -6.41
CA ASP B 303 -18.21 -34.29 -5.89
C ASP B 303 -18.19 -33.86 -4.42
N ALA B 304 -17.32 -34.46 -3.62
CA ALA B 304 -17.23 -34.09 -2.21
C ALA B 304 -16.77 -32.65 -2.05
N ILE B 305 -15.80 -32.22 -2.86
CA ILE B 305 -15.32 -30.85 -2.79
C ILE B 305 -16.42 -29.88 -3.21
N SER B 306 -17.16 -30.22 -4.27
CA SER B 306 -18.26 -29.37 -4.70
C SER B 306 -19.32 -29.25 -3.60
N GLU B 307 -19.62 -30.37 -2.93
CA GLU B 307 -20.61 -30.33 -1.85
C GLU B 307 -20.12 -29.48 -0.69
N HIS B 308 -18.83 -29.59 -0.34
CA HIS B 308 -18.28 -28.76 0.73
C HIS B 308 -18.38 -27.29 0.37
N ILE B 309 -17.98 -26.94 -0.85
CA ILE B 309 -18.06 -25.55 -1.30
C ILE B 309 -19.49 -25.04 -1.21
N TYR B 310 -20.44 -25.83 -1.72
CA TYR B 310 -21.84 -25.41 -1.73
C TYR B 310 -22.38 -25.25 -0.31
N ASN B 311 -22.13 -26.23 0.56
CA ASN B 311 -22.67 -26.18 1.91
C ASN B 311 -22.06 -25.02 2.69
N PHE B 312 -20.78 -24.72 2.49
CA PHE B 312 -20.18 -23.61 3.21
C PHE B 312 -20.71 -22.28 2.69
N PHE B 313 -20.81 -22.12 1.37
CA PHE B 313 -21.27 -20.85 0.83
C PHE B 313 -22.76 -20.62 1.04
N GLN B 314 -23.55 -21.69 1.26
CA GLN B 314 -24.96 -21.49 1.54
C GLN B 314 -25.19 -20.83 2.89
N LYS B 315 -24.25 -20.98 3.83
CA LYS B 315 -24.36 -20.33 5.14
C LYS B 315 -24.34 -18.81 5.05
N PHE B 316 -23.93 -18.25 3.92
CA PHE B 316 -23.80 -16.80 3.74
C PHE B 316 -24.80 -16.29 2.70
N LYS B 317 -26.00 -16.84 2.70
CA LYS B 317 -27.02 -16.45 1.74
C LYS B 317 -27.89 -15.33 2.32
#